data_8QAG
#
_entry.id   8QAG
#
_cell.length_a   88.950
_cell.length_b   88.950
_cell.length_c   149.518
_cell.angle_alpha   90.00
_cell.angle_beta   90.00
_cell.angle_gamma   90.00
#
_symmetry.space_group_name_H-M   'P 43 21 2'
#
loop_
_entity.id
_entity.type
_entity.pdbx_description
1 polymer sc-CC-6-95
2 non-polymer DI(HYDROXYETHYL)ETHER
3 non-polymer 'TETRAETHYLENE GLYCOL'
4 water water
#
_entity_poly.entity_id   1
_entity_poly.type   'polypeptide(L)'
_entity_poly.pdbx_seq_one_letter_code
;GSHMGIAEALKLIAEALEVIAKALLAIALGDKELAKEALKEAEEVKKKAEKLKKEAEKKGDRIAAALALIAIALAVIALA
LVAIALGDKELAKKAKEEALKVLKEAEKGYKEAKKQGDEIAAALYLIAIALAAIALALVAIALGDEELAKKAKELAEKVK
EEAEKRYKEAEKQGDEIAKALYLIAIALAAIALALVAIALKDEKLAKEALKLALEVKKKSEEEYEEAKKQGNEIAKALYL
IAIALAAIALALVAIALKDEELAEEAKEEAEKVKEEAEKQAKEAKEQGNEIAKSLYKIAISLAEIALSLAEIAKS
;
_entity_poly.pdbx_strand_id   A,B
#
# COMPACT_ATOMS: atom_id res chain seq x y z
N HIS A 3 2.65 -35.42 12.75
CA HIS A 3 1.57 -36.28 12.28
C HIS A 3 0.42 -36.31 13.29
N MET A 4 0.68 -36.85 14.48
CA MET A 4 -0.33 -36.82 15.53
C MET A 4 -0.42 -35.44 16.15
N GLY A 5 0.73 -34.79 16.36
CA GLY A 5 0.72 -33.43 16.90
C GLY A 5 0.07 -32.44 15.96
N ILE A 6 0.11 -32.72 14.67
CA ILE A 6 -0.62 -31.89 13.72
C ILE A 6 -2.12 -32.06 13.91
N ALA A 7 -2.57 -33.28 14.17
CA ALA A 7 -4.01 -33.49 14.26
C ALA A 7 -4.57 -32.90 15.55
N GLU A 8 -3.81 -32.96 16.64
CA GLU A 8 -4.26 -32.32 17.88
C GLU A 8 -4.39 -30.82 17.70
N ALA A 9 -3.42 -30.21 17.00
CA ALA A 9 -3.47 -28.77 16.77
C ALA A 9 -4.67 -28.38 15.93
N LEU A 10 -4.94 -29.13 14.86
CA LEU A 10 -6.09 -28.82 14.02
C LEU A 10 -7.40 -28.98 14.78
N LYS A 11 -7.49 -29.99 15.65
CA LYS A 11 -8.66 -30.11 16.52
C LYS A 11 -8.85 -28.86 17.37
N LEU A 12 -7.76 -28.35 17.96
CA LEU A 12 -7.88 -27.19 18.83
C LEU A 12 -8.25 -25.95 18.01
N ILE A 13 -7.64 -25.80 16.84
CA ILE A 13 -7.99 -24.71 15.96
C ILE A 13 -9.48 -24.75 15.63
N ALA A 14 -10.02 -25.94 15.39
CA ALA A 14 -11.45 -26.03 15.17
C ALA A 14 -12.22 -25.61 16.42
N GLU A 15 -11.76 -26.04 17.61
CA GLU A 15 -12.45 -25.66 18.84
C GLU A 15 -12.44 -24.15 19.03
N ALA A 16 -11.28 -23.51 18.84
CA ALA A 16 -11.20 -22.06 19.02
C ALA A 16 -12.13 -21.32 18.06
N LEU A 17 -12.22 -21.81 16.82
CA LEU A 17 -13.11 -21.18 15.85
C LEU A 17 -14.56 -21.26 16.32
N GLU A 18 -14.93 -22.34 17.00
CA GLU A 18 -16.27 -22.41 17.57
C GLU A 18 -16.45 -21.42 18.71
N VAL A 19 -15.39 -21.14 19.47
CA VAL A 19 -15.50 -20.15 20.53
C VAL A 19 -15.64 -18.75 19.95
N ILE A 20 -14.92 -18.48 18.85
CA ILE A 20 -15.03 -17.17 18.20
C ILE A 20 -16.45 -16.95 17.69
N ALA A 21 -17.03 -17.97 17.05
CA ALA A 21 -18.41 -17.85 16.59
C ALA A 21 -19.34 -17.52 17.74
N LYS A 22 -19.13 -18.15 18.90
CA LYS A 22 -19.96 -17.89 20.06
C LYS A 22 -19.73 -16.48 20.60
N ALA A 23 -18.46 -16.07 20.70
CA ALA A 23 -18.17 -14.72 21.16
C ALA A 23 -18.79 -13.69 20.24
N LEU A 24 -18.79 -13.96 18.93
CA LEU A 24 -19.39 -13.02 17.99
C LEU A 24 -20.89 -12.88 18.22
N LEU A 25 -21.59 -14.02 18.36
CA LEU A 25 -23.02 -13.96 18.62
C LEU A 25 -23.33 -13.18 19.89
N ALA A 26 -22.50 -13.35 20.93
CA ALA A 26 -22.71 -12.60 22.17
C ALA A 26 -22.63 -11.10 21.93
N ILE A 27 -21.76 -10.65 21.02
CA ILE A 27 -21.71 -9.23 20.72
C ILE A 27 -23.00 -8.80 20.02
N ALA A 28 -23.47 -9.60 19.07
CA ALA A 28 -24.68 -9.26 18.32
C ALA A 28 -25.90 -9.15 19.23
N LEU A 29 -26.05 -10.10 20.15
CA LEU A 29 -27.24 -10.14 20.99
C LEU A 29 -27.08 -9.39 22.30
N GLY A 30 -25.86 -9.00 22.68
CA GLY A 30 -25.65 -8.47 24.01
C GLY A 30 -25.87 -9.51 25.09
N ASP A 31 -25.56 -10.76 24.80
CA ASP A 31 -25.84 -11.88 25.70
C ASP A 31 -24.58 -12.15 26.52
N LYS A 32 -24.61 -11.76 27.78
CA LYS A 32 -23.42 -11.88 28.62
C LYS A 32 -23.21 -13.31 29.12
N GLU A 33 -24.27 -14.09 29.33
CA GLU A 33 -24.09 -15.50 29.65
C GLU A 33 -23.35 -16.22 28.52
N LEU A 34 -23.65 -15.87 27.28
CA LEU A 34 -22.93 -16.48 26.16
C LEU A 34 -21.46 -16.07 26.20
N ALA A 35 -21.19 -14.83 26.59
CA ALA A 35 -19.82 -14.36 26.65
C ALA A 35 -19.04 -15.04 27.77
N LYS A 36 -19.61 -15.16 28.96
CA LYS A 36 -18.90 -15.86 30.03
C LYS A 36 -18.62 -17.29 29.62
N GLU A 37 -19.56 -17.92 28.92
CA GLU A 37 -19.36 -19.29 28.47
C GLU A 37 -18.18 -19.38 27.51
N ALA A 38 -18.19 -18.56 26.46
CA ALA A 38 -17.08 -18.56 25.51
C ALA A 38 -15.77 -18.27 26.20
N LEU A 39 -15.79 -17.42 27.21
CA LEU A 39 -14.56 -17.05 27.90
C LEU A 39 -13.92 -18.26 28.58
N LYS A 40 -14.74 -19.07 29.25
CA LYS A 40 -14.19 -20.28 29.87
C LYS A 40 -13.68 -21.24 28.81
N GLU A 41 -14.40 -21.37 27.69
CA GLU A 41 -13.93 -22.25 26.64
C GLU A 41 -12.63 -21.77 26.02
N ALA A 42 -12.45 -20.44 25.90
CA ALA A 42 -11.29 -19.91 25.20
C ALA A 42 -10.02 -20.06 26.02
N GLU A 43 -10.14 -20.01 27.34
CA GLU A 43 -8.99 -20.23 28.20
C GLU A 43 -8.69 -21.72 28.35
N GLU A 44 -9.71 -22.57 28.26
CA GLU A 44 -9.45 -24.00 28.16
C GLU A 44 -8.62 -24.31 26.92
N VAL A 45 -9.00 -23.71 25.78
CA VAL A 45 -8.30 -23.94 24.52
C VAL A 45 -6.88 -23.39 24.60
N LYS A 46 -6.72 -22.19 25.14
CA LYS A 46 -5.38 -21.60 25.23
C LYS A 46 -4.45 -22.45 26.09
N LYS A 47 -4.97 -23.03 27.18
CA LYS A 47 -4.12 -23.87 28.03
C LYS A 47 -3.69 -25.14 27.30
N LYS A 48 -4.64 -25.84 26.66
CA LYS A 48 -4.28 -27.03 25.90
C LYS A 48 -3.32 -26.69 24.77
N ALA A 49 -3.52 -25.53 24.13
CA ALA A 49 -2.64 -25.14 23.03
C ALA A 49 -1.26 -24.75 23.54
N GLU A 50 -1.20 -23.99 24.64
CA GLU A 50 0.09 -23.68 25.25
C GLU A 50 0.82 -24.96 25.63
N LYS A 51 0.09 -26.03 25.94
CA LYS A 51 0.71 -27.30 26.27
C LYS A 51 1.30 -27.98 25.04
N LEU A 52 0.52 -28.05 23.96
CA LEU A 52 1.01 -28.74 22.77
C LEU A 52 2.17 -27.98 22.13
N LYS A 53 2.25 -26.66 22.35
CA LYS A 53 3.35 -25.89 21.78
C LYS A 53 4.68 -26.25 22.43
N LYS A 54 4.67 -26.52 23.74
CA LYS A 54 5.90 -26.96 24.39
C LYS A 54 6.32 -28.34 23.92
N GLU A 55 5.35 -29.25 23.75
CA GLU A 55 5.67 -30.61 23.35
C GLU A 55 6.31 -30.63 21.96
N ALA A 56 5.74 -29.88 21.02
CA ALA A 56 6.25 -29.89 19.66
C ALA A 56 7.61 -29.22 19.55
N GLU A 57 7.85 -28.19 20.38
CA GLU A 57 9.15 -27.52 20.35
C GLU A 57 10.25 -28.42 20.92
N LYS A 58 9.96 -29.09 22.04
CA LYS A 58 10.86 -30.06 22.64
C LYS A 58 11.08 -31.30 21.76
N LYS A 59 10.59 -31.32 20.53
CA LYS A 59 10.78 -32.48 19.65
C LYS A 59 11.32 -32.05 18.28
N ARG A 62 7.66 -29.11 14.49
CA ARG A 62 7.92 -27.71 14.15
C ARG A 62 6.72 -27.15 13.44
N ILE A 63 6.12 -27.98 12.59
CA ILE A 63 4.88 -27.63 11.94
C ILE A 63 3.74 -27.61 12.95
N ALA A 64 3.75 -28.57 13.89
CA ALA A 64 2.75 -28.60 14.94
C ALA A 64 2.96 -27.52 15.98
N ALA A 65 4.17 -27.00 16.12
CA ALA A 65 4.39 -25.89 17.04
C ALA A 65 3.75 -24.61 16.50
N ALA A 66 3.94 -24.34 15.21
CA ALA A 66 3.27 -23.18 14.61
C ALA A 66 1.76 -23.36 14.58
N LEU A 67 1.28 -24.60 14.41
CA LEU A 67 -0.16 -24.81 14.47
C LEU A 67 -0.71 -24.63 15.87
N ALA A 68 0.08 -25.01 16.88
CA ALA A 68 -0.31 -24.74 18.26
C ALA A 68 -0.39 -23.24 18.52
N LEU A 69 0.54 -22.46 17.96
CA LEU A 69 0.52 -21.02 18.16
C LEU A 69 -0.66 -20.37 17.44
N ILE A 70 -1.02 -20.89 16.26
CA ILE A 70 -2.23 -20.41 15.59
C ILE A 70 -3.43 -20.55 16.50
N ALA A 71 -3.58 -21.73 17.11
CA ALA A 71 -4.67 -21.95 18.06
C ALA A 71 -4.60 -20.95 19.20
N ILE A 72 -3.41 -20.69 19.73
CA ILE A 72 -3.26 -19.70 20.79
C ILE A 72 -3.76 -18.34 20.29
N ALA A 73 -3.31 -17.94 19.10
CA ALA A 73 -3.74 -16.66 18.55
C ALA A 73 -5.25 -16.63 18.36
N LEU A 74 -5.85 -17.76 17.96
CA LEU A 74 -7.30 -17.78 17.81
C LEU A 74 -7.99 -17.70 19.17
N ALA A 75 -7.42 -18.34 20.19
CA ALA A 75 -7.93 -18.18 21.55
C ALA A 75 -7.85 -16.73 22.00
N VAL A 76 -6.73 -16.05 21.72
CA VAL A 76 -6.58 -14.65 22.09
C VAL A 76 -7.62 -13.79 21.38
N ILE A 77 -7.95 -14.13 20.13
CA ILE A 77 -8.97 -13.38 19.40
C ILE A 77 -10.33 -13.53 20.08
N ALA A 78 -10.67 -14.75 20.52
CA ALA A 78 -11.91 -14.91 21.26
C ALA A 78 -11.90 -14.09 22.53
N LEU A 79 -10.76 -14.01 23.21
CA LEU A 79 -10.65 -13.13 24.38
C LEU A 79 -10.99 -11.69 24.03
N ALA A 80 -10.43 -11.19 22.93
CA ALA A 80 -10.71 -9.81 22.55
C ALA A 80 -12.19 -9.61 22.24
N LEU A 81 -12.82 -10.62 21.62
CA LEU A 81 -14.24 -10.49 21.33
C LEU A 81 -15.06 -10.48 22.60
N VAL A 82 -14.75 -11.39 23.54
CA VAL A 82 -15.48 -11.42 24.81
C VAL A 82 -15.34 -10.10 25.55
N ALA A 83 -14.16 -9.49 25.51
CA ALA A 83 -13.98 -8.20 26.14
C ALA A 83 -14.90 -7.16 25.52
N ILE A 84 -15.06 -7.20 24.19
CA ILE A 84 -16.03 -6.32 23.54
C ILE A 84 -17.43 -6.64 24.04
N ALA A 85 -17.77 -7.92 24.13
CA ALA A 85 -19.11 -8.31 24.55
C ALA A 85 -19.41 -7.85 25.99
N LEU A 86 -18.45 -8.03 26.89
CA LEU A 86 -18.69 -7.69 28.29
C LEU A 86 -18.32 -6.25 28.63
N GLY A 87 -17.69 -5.53 27.70
CA GLY A 87 -17.21 -4.19 27.98
C GLY A 87 -16.14 -4.17 29.06
N ASP A 88 -15.28 -5.18 29.08
CA ASP A 88 -14.30 -5.40 30.15
C ASP A 88 -12.94 -4.86 29.70
N LYS A 89 -12.58 -3.69 30.21
CA LYS A 89 -11.30 -3.10 29.85
C LYS A 89 -10.14 -3.93 30.40
N GLU A 90 -10.28 -4.51 31.59
CA GLU A 90 -9.23 -5.37 32.14
C GLU A 90 -8.95 -6.55 31.21
N LEU A 91 -10.01 -7.23 30.75
CA LEU A 91 -9.85 -8.36 29.84
C LEU A 91 -9.23 -7.93 28.52
N ALA A 92 -9.68 -6.80 27.97
CA ALA A 92 -9.05 -6.24 26.78
C ALA A 92 -7.55 -6.03 26.99
N LYS A 93 -7.16 -5.46 28.13
CA LYS A 93 -5.75 -5.29 28.42
C LYS A 93 -5.04 -6.63 28.57
N LYS A 94 -5.74 -7.64 29.09
CA LYS A 94 -5.15 -8.97 29.13
C LYS A 94 -4.99 -9.53 27.72
N ALA A 95 -5.98 -9.31 26.86
CA ALA A 95 -5.85 -9.74 25.47
C ALA A 95 -4.69 -9.06 24.77
N LYS A 96 -4.45 -7.78 25.09
CA LYS A 96 -3.33 -7.06 24.50
C LYS A 96 -1.99 -7.72 24.87
N GLU A 97 -1.83 -8.08 26.14
CA GLU A 97 -0.62 -8.78 26.57
C GLU A 97 -0.50 -10.14 25.89
N GLU A 98 -1.60 -10.89 25.84
CA GLU A 98 -1.55 -12.22 25.21
C GLU A 98 -1.22 -12.11 23.72
N ALA A 99 -1.70 -11.07 23.05
CA ALA A 99 -1.52 -10.95 21.60
C ALA A 99 -0.07 -10.58 21.26
N LEU A 100 0.47 -9.56 21.94
CA LEU A 100 1.87 -9.20 21.73
C LEU A 100 2.80 -10.38 22.05
N LYS A 101 2.45 -11.19 23.04
CA LYS A 101 3.25 -12.38 23.30
C LYS A 101 3.20 -13.34 22.13
N VAL A 102 2.04 -13.44 21.48
CA VAL A 102 1.92 -14.26 20.27
C VAL A 102 2.72 -13.63 19.14
N LEU A 103 2.64 -12.30 19.01
CA LEU A 103 3.36 -11.61 17.95
C LEU A 103 4.87 -11.80 18.09
N LYS A 104 5.38 -11.84 19.32
CA LYS A 104 6.80 -12.08 19.51
C LYS A 104 7.17 -13.53 19.17
N GLU A 105 6.35 -14.48 19.60
CA GLU A 105 6.66 -15.88 19.29
C GLU A 105 6.55 -16.17 17.81
N ALA A 106 5.67 -15.45 17.11
CA ALA A 106 5.48 -15.70 15.70
C ALA A 106 6.48 -14.97 14.83
N GLU A 107 7.06 -13.89 15.34
CA GLU A 107 8.11 -13.22 14.58
C GLU A 107 9.42 -13.98 14.69
N LYS A 108 9.73 -14.51 15.87
CA LYS A 108 10.92 -15.33 16.03
C LYS A 108 10.81 -16.63 15.25
N GLY A 109 9.69 -17.34 15.38
CA GLY A 109 9.55 -18.59 14.66
C GLY A 109 9.54 -18.40 13.16
N TYR A 110 9.04 -17.25 12.70
CA TYR A 110 9.07 -16.93 11.28
C TYR A 110 10.48 -16.64 10.81
N LYS A 111 11.30 -15.99 11.64
CA LYS A 111 12.65 -15.64 11.23
C LYS A 111 13.48 -16.90 11.00
N GLU A 112 13.46 -17.84 11.94
CA GLU A 112 14.28 -19.03 11.79
C GLU A 112 13.70 -20.02 10.78
N ALA A 113 12.40 -19.92 10.47
CA ALA A 113 11.84 -20.78 9.45
C ALA A 113 12.31 -20.37 8.06
N LYS A 114 12.52 -19.06 7.83
CA LYS A 114 13.07 -18.62 6.55
C LYS A 114 14.54 -18.99 6.42
N LYS A 115 15.31 -18.90 7.52
CA LYS A 115 16.71 -19.31 7.47
C LYS A 115 16.84 -20.79 7.21
N GLN A 116 16.13 -21.62 7.99
CA GLN A 116 16.13 -23.07 7.79
C GLN A 116 15.52 -23.50 6.47
N GLY A 117 14.87 -22.59 5.75
CA GLY A 117 14.25 -22.96 4.48
C GLY A 117 13.00 -23.81 4.62
N ASP A 118 12.37 -23.82 5.79
CA ASP A 118 11.14 -24.58 6.01
C ASP A 118 9.97 -23.73 5.55
N GLU A 119 9.48 -23.99 4.34
CA GLU A 119 8.52 -23.08 3.70
C GLU A 119 7.16 -23.15 4.37
N ILE A 120 6.74 -24.33 4.82
CA ILE A 120 5.41 -24.47 5.42
C ILE A 120 5.39 -23.81 6.79
N ALA A 121 6.40 -24.07 7.61
CA ALA A 121 6.45 -23.48 8.94
C ALA A 121 6.54 -21.97 8.89
N ALA A 122 7.24 -21.42 7.88
CA ALA A 122 7.27 -19.98 7.71
C ALA A 122 5.89 -19.44 7.35
N ALA A 123 5.20 -20.09 6.41
CA ALA A 123 3.86 -19.66 6.05
C ALA A 123 2.93 -19.74 7.25
N LEU A 124 3.13 -20.74 8.12
CA LEU A 124 2.27 -20.90 9.26
C LEU A 124 2.54 -19.84 10.33
N TYR A 125 3.81 -19.48 10.50
CA TYR A 125 4.14 -18.41 11.43
C TYR A 125 3.65 -17.06 10.92
N LEU A 126 3.81 -16.83 9.62
CA LEU A 126 3.29 -15.59 9.04
C LEU A 126 1.79 -15.47 9.24
N ILE A 127 1.09 -16.61 9.26
CA ILE A 127 -0.35 -16.58 9.54
C ILE A 127 -0.60 -16.17 10.98
N ALA A 128 0.19 -16.69 11.91
CA ALA A 128 0.01 -16.33 13.30
C ALA A 128 0.33 -14.86 13.52
N ILE A 129 1.24 -14.28 12.74
CA ILE A 129 1.46 -12.84 12.84
C ILE A 129 0.17 -12.11 12.44
N ALA A 130 -0.44 -12.53 11.33
CA ALA A 130 -1.69 -11.91 10.90
C ALA A 130 -2.79 -12.07 11.94
N LEU A 131 -2.84 -13.22 12.62
CA LEU A 131 -3.81 -13.40 13.69
C LEU A 131 -3.57 -12.42 14.82
N ALA A 132 -2.30 -12.12 15.10
CA ALA A 132 -1.97 -11.18 16.16
C ALA A 132 -2.45 -9.78 15.82
N ALA A 133 -2.31 -9.38 14.55
CA ALA A 133 -2.81 -8.07 14.15
C ALA A 133 -4.33 -8.01 14.27
N ILE A 134 -5.00 -9.11 13.93
CA ILE A 134 -6.45 -9.18 14.12
C ILE A 134 -6.78 -8.99 15.60
N ALA A 135 -6.09 -9.71 16.47
CA ALA A 135 -6.35 -9.57 17.90
C ALA A 135 -6.11 -8.15 18.35
N LEU A 136 -4.99 -7.54 17.93
CA LEU A 136 -4.71 -6.15 18.30
C LEU A 136 -5.77 -5.21 17.76
N ALA A 137 -6.29 -5.49 16.56
CA ALA A 137 -7.36 -4.66 16.03
C ALA A 137 -8.60 -4.73 16.90
N LEU A 138 -8.87 -5.89 17.50
CA LEU A 138 -10.04 -6.00 18.34
C LEU A 138 -9.83 -5.36 19.70
N VAL A 139 -8.62 -5.47 20.26
CA VAL A 139 -8.31 -4.75 21.49
C VAL A 139 -8.44 -3.25 21.27
N ALA A 140 -8.13 -2.78 20.07
CA ALA A 140 -8.29 -1.36 19.80
C ALA A 140 -9.75 -0.97 19.84
N ILE A 141 -10.62 -1.81 19.30
CA ILE A 141 -12.05 -1.54 19.32
C ILE A 141 -12.56 -1.52 20.75
N ALA A 142 -12.16 -2.50 21.56
CA ALA A 142 -12.62 -2.58 22.95
C ALA A 142 -12.13 -1.38 23.77
N LEU A 143 -10.88 -1.00 23.61
CA LEU A 143 -10.30 0.08 24.41
C LEU A 143 -10.51 1.45 23.80
N GLY A 144 -10.89 1.55 22.53
CA GLY A 144 -10.88 2.83 21.87
C GLY A 144 -9.48 3.37 21.63
N ASP A 145 -8.51 2.48 21.36
CA ASP A 145 -7.11 2.88 21.22
C ASP A 145 -6.82 3.13 19.74
N GLU A 146 -6.63 4.40 19.39
CA GLU A 146 -6.28 4.78 18.02
C GLU A 146 -4.89 4.30 17.66
N GLU A 147 -3.92 4.48 18.56
CA GLU A 147 -2.54 4.12 18.27
C GLU A 147 -2.37 2.60 18.15
N LEU A 148 -3.19 1.82 18.83
CA LEU A 148 -3.11 0.38 18.69
C LEU A 148 -3.72 -0.08 17.38
N ALA A 149 -4.72 0.64 16.89
CA ALA A 149 -5.27 0.32 15.57
C ALA A 149 -4.28 0.68 14.48
N LYS A 150 -3.50 1.74 14.70
CA LYS A 150 -2.46 2.10 13.75
C LYS A 150 -1.33 1.08 13.78
N LYS A 151 -1.00 0.57 14.97
CA LYS A 151 -0.01 -0.50 15.06
C LYS A 151 -0.51 -1.75 14.36
N ALA A 152 -1.79 -2.10 14.56
CA ALA A 152 -2.37 -3.24 13.87
C ALA A 152 -2.36 -3.06 12.36
N LYS A 153 -2.75 -1.87 11.89
CA LYS A 153 -2.78 -1.60 10.45
C LYS A 153 -1.41 -1.80 9.83
N GLU A 154 -0.38 -1.23 10.44
CA GLU A 154 0.98 -1.38 9.93
C GLU A 154 1.42 -2.83 9.94
N LEU A 155 0.98 -3.60 10.93
CA LEU A 155 1.32 -5.02 10.95
C LEU A 155 0.70 -5.74 9.77
N ALA A 156 -0.58 -5.50 9.52
CA ALA A 156 -1.29 -6.19 8.45
C ALA A 156 -0.74 -5.84 7.08
N GLU A 157 -0.21 -4.62 6.91
CA GLU A 157 0.35 -4.28 5.61
C GLU A 157 1.67 -4.99 5.37
N LYS A 158 2.49 -5.16 6.42
CA LYS A 158 3.71 -5.94 6.28
C LYS A 158 3.39 -7.39 5.91
N VAL A 159 2.39 -7.98 6.55
CA VAL A 159 2.02 -9.36 6.23
C VAL A 159 1.58 -9.45 4.77
N LYS A 160 0.75 -8.50 4.33
CA LYS A 160 0.26 -8.52 2.96
C LYS A 160 1.42 -8.48 1.97
N GLU A 161 2.31 -7.48 2.11
CA GLU A 161 3.39 -7.32 1.15
C GLU A 161 4.31 -8.53 1.17
N GLU A 162 4.53 -9.13 2.34
CA GLU A 162 5.45 -10.25 2.41
C GLU A 162 4.79 -11.55 1.95
N ALA A 163 3.51 -11.75 2.28
CA ALA A 163 2.82 -12.93 1.78
C ALA A 163 2.69 -12.90 0.26
N GLU A 164 2.46 -11.72 -0.32
CA GLU A 164 2.39 -11.62 -1.78
C GLU A 164 3.72 -11.98 -2.42
N LYS A 165 4.82 -11.52 -1.84
CA LYS A 165 6.14 -11.81 -2.40
C LYS A 165 6.53 -13.26 -2.16
N ARG A 166 6.26 -13.79 -0.97
CA ARG A 166 6.60 -15.18 -0.69
C ARG A 166 5.67 -16.13 -1.42
N TYR A 167 4.48 -15.67 -1.82
CA TYR A 167 3.59 -16.49 -2.62
C TYR A 167 4.16 -16.73 -4.01
N LYS A 168 4.70 -15.68 -4.63
CA LYS A 168 5.29 -15.84 -5.95
C LYS A 168 6.53 -16.71 -5.93
N GLU A 169 7.27 -16.73 -4.80
CA GLU A 169 8.40 -17.63 -4.67
C GLU A 169 7.98 -19.07 -4.40
N ALA A 170 6.77 -19.29 -3.88
CA ALA A 170 6.24 -20.64 -3.76
C ALA A 170 5.67 -21.13 -5.08
N GLU A 171 5.24 -20.23 -5.96
CA GLU A 171 4.86 -20.63 -7.30
C GLU A 171 6.07 -21.14 -8.09
N LYS A 172 7.26 -20.62 -7.82
CA LYS A 172 8.48 -21.05 -8.49
C LYS A 172 9.17 -22.21 -7.79
N GLN A 173 8.54 -22.78 -6.77
CA GLN A 173 9.11 -23.91 -6.06
C GLN A 173 8.26 -25.16 -6.17
N GLY A 174 7.06 -25.06 -6.76
CA GLY A 174 6.13 -26.17 -6.75
C GLY A 174 5.67 -26.56 -5.37
N ASP A 175 5.59 -25.59 -4.44
CA ASP A 175 5.12 -25.83 -3.08
C ASP A 175 3.68 -25.34 -3.02
N GLU A 176 2.73 -26.26 -3.23
CA GLU A 176 1.33 -25.88 -3.33
C GLU A 176 0.68 -25.67 -1.97
N ILE A 177 1.15 -26.40 -0.94
CA ILE A 177 0.66 -26.17 0.42
C ILE A 177 1.07 -24.78 0.90
N ALA A 178 2.34 -24.42 0.68
CA ALA A 178 2.79 -23.08 1.07
C ALA A 178 2.08 -22.01 0.26
N LYS A 179 1.84 -22.27 -1.03
CA LYS A 179 1.07 -21.33 -1.85
C LYS A 179 -0.31 -21.10 -1.24
N ALA A 180 -0.95 -22.15 -0.75
CA ALA A 180 -2.27 -21.95 -0.14
C ALA A 180 -2.15 -21.20 1.17
N LEU A 181 -1.12 -21.52 1.96
CA LEU A 181 -0.99 -20.87 3.26
C LEU A 181 -0.63 -19.40 3.12
N TYR A 182 0.06 -19.03 2.04
CA TYR A 182 0.34 -17.62 1.83
C TYR A 182 -0.89 -16.89 1.34
N LEU A 183 -1.77 -17.56 0.59
CA LEU A 183 -3.05 -16.97 0.24
C LEU A 183 -3.92 -16.76 1.48
N ILE A 184 -3.88 -17.71 2.42
CA ILE A 184 -4.63 -17.56 3.66
C ILE A 184 -4.12 -16.36 4.44
N ALA A 185 -2.80 -16.19 4.48
CA ALA A 185 -2.23 -15.04 5.17
C ALA A 185 -2.69 -13.73 4.55
N ILE A 186 -2.74 -13.66 3.22
CA ILE A 186 -3.25 -12.44 2.61
C ILE A 186 -4.73 -12.25 2.93
N ALA A 187 -5.48 -13.34 3.06
CA ALA A 187 -6.89 -13.21 3.43
C ALA A 187 -7.02 -12.71 4.86
N LEU A 188 -6.18 -13.21 5.77
CA LEU A 188 -6.20 -12.71 7.14
C LEU A 188 -5.78 -11.25 7.19
N ALA A 189 -4.89 -10.84 6.29
CA ALA A 189 -4.47 -9.44 6.24
C ALA A 189 -5.64 -8.54 5.87
N ALA A 190 -6.50 -8.98 4.94
CA ALA A 190 -7.69 -8.22 4.61
C ALA A 190 -8.63 -8.13 5.81
N ILE A 191 -8.74 -9.21 6.59
CA ILE A 191 -9.57 -9.19 7.78
C ILE A 191 -9.06 -8.16 8.78
N ALA A 192 -7.75 -8.15 9.00
CA ALA A 192 -7.18 -7.17 9.93
C ALA A 192 -7.44 -5.75 9.45
N LEU A 193 -7.43 -5.51 8.14
CA LEU A 193 -7.66 -4.16 7.64
C LEU A 193 -9.12 -3.75 7.79
N ALA A 194 -10.05 -4.67 7.55
CA ALA A 194 -11.45 -4.30 7.72
C ALA A 194 -11.77 -4.03 9.19
N LEU A 195 -11.08 -4.71 10.11
CA LEU A 195 -11.31 -4.43 11.53
C LEU A 195 -10.75 -3.08 11.91
N VAL A 196 -9.60 -2.70 11.32
CA VAL A 196 -9.01 -1.42 11.65
C VAL A 196 -9.85 -0.30 11.04
N ALA A 197 -10.43 -0.54 9.86
CA ALA A 197 -11.34 0.43 9.28
C ALA A 197 -12.57 0.61 10.16
N ILE A 198 -13.08 -0.50 10.70
CA ILE A 198 -14.19 -0.42 11.65
C ILE A 198 -13.78 0.41 12.86
N ALA A 199 -12.59 0.13 13.40
CA ALA A 199 -12.14 0.80 14.62
C ALA A 199 -11.92 2.30 14.39
N LEU A 200 -11.45 2.68 13.21
CA LEU A 200 -11.17 4.08 12.92
C LEU A 200 -12.33 4.79 12.26
N LYS A 201 -13.44 4.09 12.00
CA LYS A 201 -14.52 4.62 11.19
C LYS A 201 -13.97 5.14 9.85
N ASP A 202 -13.07 4.36 9.26
CA ASP A 202 -12.35 4.74 8.04
C ASP A 202 -13.00 4.07 6.84
N GLU A 203 -13.44 4.88 5.87
CA GLU A 203 -14.10 4.35 4.69
C GLU A 203 -13.10 4.03 3.58
N LYS A 204 -12.06 4.84 3.44
CA LYS A 204 -11.05 4.57 2.42
C LYS A 204 -10.31 3.27 2.70
N LEU A 205 -10.02 2.99 3.97
CA LEU A 205 -9.33 1.75 4.31
C LEU A 205 -10.23 0.52 4.13
N ALA A 206 -11.53 0.67 4.32
CA ALA A 206 -12.44 -0.44 4.06
C ALA A 206 -12.56 -0.70 2.58
N LYS A 207 -12.54 0.35 1.77
CA LYS A 207 -12.52 0.17 0.33
C LYS A 207 -11.22 -0.49 -0.10
N GLU A 208 -10.15 -0.26 0.68
CA GLU A 208 -8.87 -0.91 0.40
C GLU A 208 -8.93 -2.38 0.77
N ALA A 209 -9.38 -2.68 1.99
CA ALA A 209 -9.55 -4.06 2.41
C ALA A 209 -10.52 -4.81 1.52
N LEU A 210 -11.48 -4.11 0.93
CA LEU A 210 -12.44 -4.78 0.05
C LEU A 210 -11.79 -5.19 -1.26
N LYS A 211 -10.99 -4.30 -1.85
CA LYS A 211 -10.25 -4.66 -3.04
C LYS A 211 -9.29 -5.80 -2.76
N LEU A 212 -8.70 -5.84 -1.56
CA LEU A 212 -7.77 -6.91 -1.22
C LEU A 212 -8.49 -8.25 -1.09
N ALA A 213 -9.63 -8.26 -0.40
CA ALA A 213 -10.38 -9.50 -0.24
C ALA A 213 -10.87 -10.04 -1.58
N LEU A 214 -11.32 -9.15 -2.47
CA LEU A 214 -11.78 -9.61 -3.77
C LEU A 214 -10.64 -10.20 -4.60
N GLU A 215 -9.43 -9.64 -4.44
CA GLU A 215 -8.27 -10.22 -5.11
C GLU A 215 -7.99 -11.62 -4.61
N VAL A 216 -7.97 -11.79 -3.28
CA VAL A 216 -7.73 -13.11 -2.71
C VAL A 216 -8.83 -14.08 -3.10
N LYS A 217 -10.08 -13.60 -3.11
CA LYS A 217 -11.19 -14.48 -3.44
C LYS A 217 -11.07 -15.00 -4.86
N LYS A 218 -10.76 -14.11 -5.82
CA LYS A 218 -10.62 -14.56 -7.21
C LYS A 218 -9.47 -15.54 -7.35
N LYS A 219 -8.36 -15.28 -6.66
CA LYS A 219 -7.19 -16.14 -6.81
C LYS A 219 -7.39 -17.49 -6.12
N SER A 220 -8.00 -17.49 -4.92
CA SER A 220 -8.20 -18.74 -4.23
C SER A 220 -9.21 -19.63 -4.95
N GLU A 221 -10.19 -19.02 -5.62
CA GLU A 221 -11.14 -19.83 -6.38
C GLU A 221 -10.46 -20.51 -7.55
N GLU A 222 -9.59 -19.80 -8.26
CA GLU A 222 -8.88 -20.39 -9.38
C GLU A 222 -7.96 -21.51 -8.90
N GLU A 223 -7.17 -21.24 -7.87
CA GLU A 223 -6.25 -22.25 -7.35
C GLU A 223 -6.98 -23.46 -6.80
N TYR A 224 -8.24 -23.29 -6.40
CA TYR A 224 -8.98 -24.39 -5.80
C TYR A 224 -9.37 -25.44 -6.84
N GLU A 225 -9.90 -24.99 -7.99
CA GLU A 225 -10.23 -25.96 -9.04
C GLU A 225 -8.98 -26.52 -9.69
N GLU A 226 -7.90 -25.75 -9.72
CA GLU A 226 -6.63 -26.27 -10.22
C GLU A 226 -6.13 -27.41 -9.34
N ALA A 227 -6.18 -27.24 -8.02
CA ALA A 227 -5.79 -28.30 -7.11
C ALA A 227 -6.77 -29.47 -7.10
N LYS A 228 -7.98 -29.27 -7.64
CA LYS A 228 -9.02 -30.29 -7.58
C LYS A 228 -8.64 -31.57 -8.31
N LYS A 229 -7.88 -31.46 -9.41
CA LYS A 229 -7.46 -32.64 -10.17
C LYS A 229 -6.67 -33.61 -9.32
CA ASN A 232 -3.39 -32.17 -3.56
C ASN A 232 -4.70 -31.99 -2.81
N GLU A 233 -5.05 -32.98 -1.98
CA GLU A 233 -6.28 -32.89 -1.21
C GLU A 233 -6.15 -31.93 -0.03
N ILE A 234 -4.93 -31.71 0.45
CA ILE A 234 -4.69 -30.74 1.53
C ILE A 234 -4.67 -29.31 0.99
N ALA A 235 -3.92 -29.09 -0.08
CA ALA A 235 -3.92 -27.76 -0.70
C ALA A 235 -5.31 -27.39 -1.17
N LYS A 236 -6.11 -28.38 -1.56
CA LYS A 236 -7.50 -28.12 -1.94
C LYS A 236 -8.28 -27.55 -0.76
N ALA A 237 -8.23 -28.22 0.39
CA ALA A 237 -8.97 -27.74 1.54
C ALA A 237 -8.45 -26.39 2.02
N LEU A 238 -7.17 -26.10 1.80
CA LEU A 238 -6.62 -24.83 2.26
C LEU A 238 -7.10 -23.68 1.38
N TYR A 239 -7.24 -23.92 0.07
CA TYR A 239 -7.83 -22.91 -0.80
C TYR A 239 -9.27 -22.61 -0.40
N LEU A 240 -10.02 -23.62 0.03
CA LEU A 240 -11.38 -23.37 0.49
C LEU A 240 -11.36 -22.49 1.73
N ILE A 241 -10.42 -22.74 2.65
CA ILE A 241 -10.32 -21.94 3.86
C ILE A 241 -10.03 -20.50 3.50
N ALA A 242 -9.15 -20.29 2.53
CA ALA A 242 -8.87 -18.96 2.05
C ALA A 242 -10.13 -18.27 1.53
N ILE A 243 -10.97 -19.00 0.79
CA ILE A 243 -12.21 -18.41 0.29
C ILE A 243 -13.14 -18.06 1.45
N ALA A 244 -13.25 -18.95 2.44
CA ALA A 244 -14.06 -18.65 3.61
C ALA A 244 -13.53 -17.42 4.35
N LEU A 245 -12.21 -17.27 4.43
CA LEU A 245 -11.63 -16.13 5.13
C LEU A 245 -11.88 -14.85 4.35
N ALA A 246 -11.95 -14.94 3.02
CA ALA A 246 -12.27 -13.76 2.23
C ALA A 246 -13.74 -13.35 2.43
N ALA A 247 -14.64 -14.33 2.53
CA ALA A 247 -16.03 -14.03 2.81
C ALA A 247 -16.17 -13.32 4.15
N ILE A 248 -15.36 -13.70 5.14
CA ILE A 248 -15.38 -13.00 6.42
C ILE A 248 -15.01 -11.53 6.24
N ALA A 249 -13.99 -11.26 5.42
CA ALA A 249 -13.58 -9.86 5.23
C ALA A 249 -14.66 -9.08 4.51
N LEU A 250 -15.35 -9.71 3.55
CA LEU A 250 -16.44 -9.02 2.86
C LEU A 250 -17.53 -8.61 3.83
N ALA A 251 -17.90 -9.52 4.74
CA ALA A 251 -18.93 -9.20 5.72
C ALA A 251 -18.49 -8.05 6.61
N LEU A 252 -17.21 -8.07 7.01
CA LEU A 252 -16.69 -6.99 7.84
C LEU A 252 -16.76 -5.65 7.13
N VAL A 253 -16.44 -5.64 5.83
CA VAL A 253 -16.54 -4.40 5.07
C VAL A 253 -18.01 -4.02 4.89
N ALA A 254 -18.89 -5.02 4.77
CA ALA A 254 -20.32 -4.74 4.75
C ALA A 254 -20.78 -4.13 6.07
N ILE A 255 -20.11 -4.50 7.17
CA ILE A 255 -20.40 -3.86 8.45
C ILE A 255 -19.84 -2.45 8.48
N ALA A 256 -18.59 -2.28 8.03
CA ALA A 256 -17.93 -0.98 8.14
C ALA A 256 -18.55 0.05 7.19
N LEU A 257 -19.00 -0.36 6.02
CA LEU A 257 -19.61 0.55 5.06
C LEU A 257 -21.13 0.61 5.18
N LYS A 258 -21.73 -0.19 6.06
CA LYS A 258 -23.18 -0.28 6.19
C LYS A 258 -23.83 -0.60 4.84
N ASP A 259 -23.18 -1.49 4.08
CA ASP A 259 -23.68 -1.90 2.78
C ASP A 259 -24.43 -3.22 2.90
N GLU A 260 -25.64 -3.28 2.34
CA GLU A 260 -26.44 -4.48 2.45
C GLU A 260 -26.23 -5.41 1.28
N GLU A 261 -25.91 -4.86 0.10
CA GLU A 261 -25.62 -5.72 -1.05
C GLU A 261 -24.31 -6.47 -0.85
N LEU A 262 -23.33 -5.82 -0.24
CA LEU A 262 -22.09 -6.49 0.12
C LEU A 262 -22.32 -7.56 1.18
N ALA A 263 -23.23 -7.30 2.13
CA ALA A 263 -23.57 -8.28 3.15
C ALA A 263 -24.31 -9.47 2.54
N GLU A 264 -25.17 -9.22 1.56
CA GLU A 264 -25.83 -10.32 0.86
C GLU A 264 -24.83 -11.12 0.03
N GLU A 265 -23.85 -10.43 -0.57
CA GLU A 265 -22.85 -11.13 -1.35
C GLU A 265 -21.93 -11.93 -0.45
N ALA A 266 -21.59 -11.39 0.72
CA ALA A 266 -20.79 -12.14 1.68
C ALA A 266 -21.53 -13.36 2.18
N LYS A 267 -22.82 -13.23 2.46
CA LYS A 267 -23.60 -14.36 2.95
C LYS A 267 -23.76 -15.44 1.89
N GLU A 268 -23.86 -15.04 0.61
CA GLU A 268 -24.04 -16.03 -0.45
C GLU A 268 -22.75 -16.80 -0.72
N GLU A 269 -21.59 -16.14 -0.63
CA GLU A 269 -20.33 -16.86 -0.74
C GLU A 269 -20.12 -17.79 0.44
N ALA A 270 -20.53 -17.39 1.63
CA ALA A 270 -20.36 -18.26 2.78
C ALA A 270 -21.19 -19.52 2.63
N GLU A 271 -22.40 -19.40 2.10
CA GLU A 271 -23.20 -20.59 1.86
C GLU A 271 -22.59 -21.46 0.79
N LYS A 272 -21.92 -20.86 -0.21
CA LYS A 272 -21.32 -21.65 -1.28
C LYS A 272 -20.14 -22.47 -0.76
N VAL A 273 -19.31 -21.86 0.07
CA VAL A 273 -18.15 -22.57 0.63
C VAL A 273 -18.60 -23.69 1.54
N LYS A 274 -19.59 -23.42 2.40
CA LYS A 274 -20.14 -24.42 3.31
C LYS A 274 -20.60 -25.66 2.55
N GLU A 275 -21.39 -25.47 1.50
CA GLU A 275 -21.82 -26.61 0.68
C GLU A 275 -20.62 -27.38 0.16
N GLU A 276 -19.63 -26.69 -0.41
CA GLU A 276 -18.50 -27.40 -0.98
C GLU A 276 -17.70 -28.11 0.10
N ALA A 277 -17.52 -27.48 1.27
CA ALA A 277 -16.74 -28.11 2.33
C ALA A 277 -17.44 -29.35 2.87
N GLU A 278 -18.74 -29.25 3.16
CA GLU A 278 -19.50 -30.43 3.56
C GLU A 278 -19.38 -31.55 2.54
N LYS A 279 -19.46 -31.22 1.25
CA LYS A 279 -19.30 -32.25 0.22
C LYS A 279 -17.91 -32.86 0.27
N GLN A 280 -16.88 -32.01 0.29
CA GLN A 280 -15.50 -32.50 0.31
C GLN A 280 -15.22 -33.29 1.57
N ALA A 281 -15.71 -32.80 2.72
CA ALA A 281 -15.45 -33.49 3.98
C ALA A 281 -16.10 -34.87 4.00
N LYS A 282 -17.29 -35.00 3.42
CA LYS A 282 -17.90 -36.30 3.26
C LYS A 282 -16.99 -37.23 2.47
N GLU A 283 -16.39 -36.70 1.40
CA GLU A 283 -15.51 -37.53 0.57
C GLU A 283 -14.21 -37.85 1.28
N ALA A 284 -13.67 -36.89 2.04
CA ALA A 284 -12.42 -37.15 2.76
C ALA A 284 -12.63 -38.12 3.93
N LYS A 285 -13.83 -38.13 4.51
CA LYS A 285 -14.11 -39.07 5.60
C LYS A 285 -14.11 -40.50 5.09
N GLU A 286 -14.78 -40.75 3.95
CA GLU A 286 -14.87 -42.12 3.45
C GLU A 286 -13.53 -42.64 2.98
N GLN A 287 -12.64 -41.74 2.53
CA GLN A 287 -11.34 -42.15 2.01
C GLN A 287 -10.23 -42.05 3.05
N GLY A 288 -10.54 -41.66 4.27
CA GLY A 288 -9.54 -41.61 5.34
C GLY A 288 -8.51 -40.51 5.17
N ASN A 289 -8.92 -39.33 4.69
CA ASN A 289 -8.06 -38.16 4.63
C ASN A 289 -8.35 -37.34 5.89
N GLU A 290 -7.70 -37.73 6.98
CA GLU A 290 -8.02 -37.14 8.27
C GLU A 290 -7.58 -35.69 8.36
N ILE A 291 -6.41 -35.37 7.82
CA ILE A 291 -5.98 -33.98 7.88
C ILE A 291 -6.82 -33.12 6.95
N ALA A 292 -7.23 -33.67 5.80
CA ALA A 292 -8.13 -32.93 4.92
C ALA A 292 -9.49 -32.76 5.56
N LYS A 293 -10.04 -33.84 6.14
CA LYS A 293 -11.33 -33.73 6.79
C LYS A 293 -11.29 -32.67 7.89
N SER A 294 -10.18 -32.60 8.62
CA SER A 294 -10.01 -31.56 9.62
C SER A 294 -10.10 -30.16 9.01
N LEU A 295 -9.42 -29.97 7.88
CA LEU A 295 -9.38 -28.64 7.25
C LEU A 295 -10.74 -28.26 6.70
N TYR A 296 -11.44 -29.21 6.06
CA TYR A 296 -12.79 -28.92 5.61
C TYR A 296 -13.70 -28.58 6.78
N LYS A 297 -13.48 -29.26 7.92
CA LYS A 297 -14.20 -28.88 9.13
C LYS A 297 -13.92 -27.42 9.48
N ILE A 298 -12.65 -27.03 9.42
CA ILE A 298 -12.26 -25.66 9.72
C ILE A 298 -12.90 -24.69 8.75
N ALA A 299 -13.10 -25.12 7.51
CA ALA A 299 -13.74 -24.24 6.53
C ALA A 299 -15.20 -24.00 6.86
N ILE A 300 -15.90 -25.02 7.35
CA ILE A 300 -17.30 -24.83 7.72
C ILE A 300 -17.41 -23.88 8.90
N SER A 301 -16.48 -23.99 9.86
CA SER A 301 -16.48 -23.08 10.99
C SER A 301 -16.33 -21.64 10.52
N LEU A 302 -15.41 -21.40 9.57
CA LEU A 302 -15.21 -20.05 9.07
C LEU A 302 -16.43 -19.55 8.31
N ALA A 303 -17.07 -20.41 7.52
CA ALA A 303 -18.33 -20.02 6.88
C ALA A 303 -19.37 -19.65 7.92
N GLU A 304 -19.39 -20.37 9.06
CA GLU A 304 -20.33 -20.03 10.11
C GLU A 304 -20.05 -18.64 10.67
N ILE A 305 -18.77 -18.32 10.89
CA ILE A 305 -18.41 -16.99 11.36
C ILE A 305 -18.83 -15.93 10.35
N ALA A 306 -18.60 -16.20 9.06
CA ALA A 306 -19.00 -15.24 8.04
C ALA A 306 -20.50 -15.00 8.04
N LEU A 307 -21.29 -16.05 8.28
CA LEU A 307 -22.75 -15.88 8.31
C LEU A 307 -23.18 -15.02 9.49
N SER A 308 -22.63 -15.28 10.68
CA SER A 308 -22.89 -14.44 11.84
C SER A 308 -22.70 -12.96 11.50
N LEU A 309 -21.48 -12.61 11.03
CA LEU A 309 -21.22 -11.23 10.66
C LEU A 309 -22.19 -10.73 9.60
N ALA A 310 -22.53 -11.60 8.64
CA ALA A 310 -23.42 -11.21 7.55
C ALA A 310 -24.82 -10.88 8.06
N GLU A 311 -25.25 -11.49 9.16
CA GLU A 311 -26.53 -11.13 9.75
C GLU A 311 -26.43 -9.92 10.65
N ILE A 312 -25.25 -9.63 11.19
CA ILE A 312 -25.06 -8.41 11.97
C ILE A 312 -25.11 -7.20 11.04
N ALA A 313 -24.49 -7.30 9.88
CA ALA A 313 -24.55 -6.25 8.88
C ALA A 313 -25.99 -6.08 8.39
N ALA B 7 12.37 36.24 -7.92
CA ALA B 7 11.92 35.68 -9.19
C ALA B 7 13.08 35.23 -10.05
N GLU B 8 14.30 35.68 -9.72
CA GLU B 8 15.46 35.24 -10.47
C GLU B 8 15.57 33.72 -10.46
N ALA B 9 15.25 33.10 -9.33
CA ALA B 9 15.23 31.64 -9.27
C ALA B 9 14.17 31.08 -10.21
N LEU B 10 12.99 31.69 -10.23
CA LEU B 10 11.89 31.23 -11.07
C LEU B 10 12.29 31.20 -12.53
N LYS B 11 13.08 32.17 -12.97
CA LYS B 11 13.68 32.09 -14.30
C LYS B 11 14.48 30.80 -14.45
N LEU B 12 15.26 30.44 -13.41
CA LEU B 12 16.09 29.25 -13.49
C LEU B 12 15.27 27.96 -13.48
N ILE B 13 14.22 27.90 -12.65
CA ILE B 13 13.35 26.72 -12.72
C ILE B 13 12.78 26.56 -14.12
N ALA B 14 12.34 27.67 -14.73
CA ALA B 14 11.83 27.59 -16.09
C ALA B 14 12.91 27.14 -17.06
N GLU B 15 14.12 27.66 -16.88
CA GLU B 15 15.22 27.27 -17.77
C GLU B 15 15.50 25.78 -17.64
N ALA B 16 15.54 25.27 -16.40
CA ALA B 16 15.80 23.84 -16.20
C ALA B 16 14.71 22.98 -16.82
N LEU B 17 13.45 23.40 -16.70
CA LEU B 17 12.35 22.65 -17.31
C LEU B 17 12.47 22.62 -18.83
N GLU B 18 12.97 23.71 -19.43
CA GLU B 18 13.18 23.71 -20.86
C GLU B 18 14.28 22.73 -21.26
N VAL B 19 15.29 22.55 -20.41
CA VAL B 19 16.29 21.55 -20.70
C VAL B 19 15.71 20.14 -20.52
N ILE B 20 14.83 19.97 -19.52
CA ILE B 20 14.18 18.67 -19.34
C ILE B 20 13.35 18.33 -20.56
N ALA B 21 12.55 19.29 -21.02
CA ALA B 21 11.76 19.09 -22.22
C ALA B 21 12.65 18.73 -23.40
N LYS B 22 13.82 19.35 -23.50
CA LYS B 22 14.74 19.06 -24.60
C LYS B 22 15.34 17.66 -24.47
N ALA B 23 15.76 17.28 -23.26
CA ALA B 23 16.32 15.96 -23.05
C ALA B 23 15.29 14.87 -23.31
N LEU B 24 14.03 15.10 -22.95
CA LEU B 24 13.00 14.11 -23.22
C LEU B 24 12.83 13.89 -24.71
N LEU B 25 12.75 14.98 -25.47
CA LEU B 25 12.65 14.89 -26.92
C LEU B 25 13.83 14.13 -27.51
N ALA B 26 15.03 14.36 -26.97
CA ALA B 26 16.20 13.61 -27.42
C ALA B 26 15.98 12.12 -27.19
N ILE B 27 15.30 11.76 -26.11
CA ILE B 27 14.94 10.37 -25.90
C ILE B 27 13.86 9.96 -26.90
N ALA B 28 12.87 10.83 -27.10
CA ALA B 28 11.76 10.48 -27.98
C ALA B 28 12.21 10.27 -29.41
N LEU B 29 13.08 11.14 -29.93
CA LEU B 29 13.48 11.05 -31.33
C LEU B 29 14.76 10.24 -31.55
N GLY B 30 15.50 9.92 -30.49
CA GLY B 30 16.83 9.36 -30.66
C GLY B 30 17.81 10.36 -31.23
N ASP B 31 17.63 11.64 -30.93
CA ASP B 31 18.43 12.73 -31.50
C ASP B 31 19.57 13.05 -30.54
N LYS B 32 20.79 12.66 -30.90
CA LYS B 32 21.93 12.84 -30.01
C LYS B 32 22.43 14.28 -30.03
N GLU B 33 22.29 14.97 -31.16
CA GLU B 33 22.59 16.41 -31.19
C GLU B 33 21.76 17.15 -30.16
N LEU B 34 20.49 16.76 -30.00
CA LEU B 34 19.64 17.40 -29.00
C LEU B 34 20.14 17.11 -27.60
N ALA B 35 20.59 15.87 -27.36
CA ALA B 35 21.08 15.49 -26.04
C ALA B 35 22.36 16.22 -25.69
N LYS B 36 23.30 16.29 -26.64
CA LYS B 36 24.52 17.05 -26.40
C LYS B 36 24.22 18.49 -26.07
N GLU B 37 23.21 19.07 -26.73
CA GLU B 37 22.80 20.44 -26.41
C GLU B 37 22.27 20.55 -24.99
N ALA B 38 21.31 19.70 -24.63
CA ALA B 38 20.73 19.75 -23.30
C ALA B 38 21.78 19.53 -22.22
N LEU B 39 22.77 18.68 -22.49
CA LEU B 39 23.76 18.38 -21.47
C LEU B 39 24.57 19.62 -21.10
N LYS B 40 25.00 20.38 -22.11
CA LYS B 40 25.76 21.60 -21.83
C LYS B 40 24.91 22.66 -21.14
N GLU B 41 23.64 22.79 -21.55
CA GLU B 41 22.76 23.76 -20.90
C GLU B 41 22.48 23.40 -19.45
N ALA B 42 22.43 22.10 -19.13
CA ALA B 42 22.04 21.70 -17.79
C ALA B 42 23.13 22.02 -16.78
N GLU B 43 24.40 22.02 -17.21
CA GLU B 43 25.47 22.38 -16.31
C GLU B 43 25.62 23.89 -16.18
N GLU B 44 25.30 24.64 -17.24
CA GLU B 44 25.24 26.09 -17.12
C GLU B 44 24.19 26.51 -16.11
N VAL B 45 23.01 25.90 -16.18
CA VAL B 45 21.95 26.21 -15.21
C VAL B 45 22.38 25.79 -13.82
N LYS B 46 22.99 24.61 -13.69
CA LYS B 46 23.42 24.13 -12.38
C LYS B 46 24.42 25.08 -11.74
N LYS B 47 25.29 25.70 -12.55
CA LYS B 47 26.23 26.68 -12.02
C LYS B 47 25.49 27.93 -11.53
N LYS B 48 24.61 28.47 -12.37
CA LYS B 48 23.86 29.67 -11.96
C LYS B 48 23.03 29.40 -10.71
N ALA B 49 22.48 28.19 -10.59
CA ALA B 49 21.67 27.86 -9.42
C ALA B 49 22.54 27.66 -8.19
N GLU B 50 23.61 26.86 -8.32
CA GLU B 50 24.52 26.67 -7.20
C GLU B 50 25.10 28.00 -6.73
N LYS B 51 25.23 28.97 -7.64
CA LYS B 51 25.73 30.28 -7.26
C LYS B 51 24.68 31.10 -6.53
N LEU B 52 23.47 31.19 -7.09
CA LEU B 52 22.42 31.97 -6.43
C LEU B 52 21.96 31.32 -5.15
N LYS B 53 22.16 30.01 -5.00
CA LYS B 53 21.78 29.34 -3.75
C LYS B 53 22.64 29.83 -2.60
N LYS B 54 23.95 29.99 -2.84
CA LYS B 54 24.82 30.53 -1.80
C LYS B 54 24.52 32.00 -1.54
N GLU B 55 24.20 32.76 -2.60
CA GLU B 55 24.00 34.20 -2.45
C GLU B 55 22.85 34.52 -1.51
N ALA B 56 21.72 33.85 -1.68
CA ALA B 56 20.55 34.11 -0.86
C ALA B 56 20.76 33.59 0.57
N ALA B 65 15.89 30.82 -1.03
CA ALA B 65 17.06 29.99 -1.33
C ALA B 65 16.66 28.57 -1.66
N ALA B 66 15.48 28.16 -1.20
CA ALA B 66 15.02 26.82 -1.51
C ALA B 66 14.69 26.69 -2.99
N LEU B 67 14.22 27.76 -3.61
CA LEU B 67 13.94 27.73 -5.05
C LEU B 67 15.21 27.55 -5.85
N LEU B 69 17.69 25.66 -4.98
CA LEU B 69 17.98 24.24 -4.95
C LEU B 69 17.02 23.45 -5.82
N ILE B 70 15.77 23.92 -5.94
CA ILE B 70 14.81 23.28 -6.85
C ILE B 70 15.40 23.20 -8.25
N ALA B 71 15.90 24.33 -8.74
CA ALA B 71 16.51 24.35 -10.07
C ALA B 71 17.65 23.35 -10.17
N ILE B 72 18.49 23.28 -9.14
CA ILE B 72 19.61 22.34 -9.14
C ILE B 72 19.10 20.91 -9.32
N ALA B 73 18.09 20.54 -8.52
CA ALA B 73 17.53 19.20 -8.64
C ALA B 73 16.95 18.98 -10.04
N LEU B 74 16.34 20.02 -10.62
CA LEU B 74 15.82 19.87 -11.98
C LEU B 74 16.96 19.75 -12.99
N ALA B 75 18.03 20.53 -12.79
CA ALA B 75 19.22 20.40 -13.63
C ALA B 75 19.80 19.00 -13.53
N VAL B 76 19.80 18.43 -12.32
CA VAL B 76 20.29 17.07 -12.16
C VAL B 76 19.36 16.09 -12.87
N ILE B 77 18.05 16.36 -12.89
CA ILE B 77 17.12 15.49 -13.61
C ILE B 77 17.40 15.52 -15.10
N ALA B 78 17.70 16.70 -15.64
CA ALA B 78 18.09 16.78 -17.04
C ALA B 78 19.39 16.01 -17.28
N LEU B 79 20.34 16.07 -16.34
CA LEU B 79 21.55 15.27 -16.46
C LEU B 79 21.22 13.78 -16.53
N ALA B 80 20.30 13.31 -15.68
CA ALA B 80 19.94 11.90 -15.72
C ALA B 80 19.27 11.54 -17.03
N LEU B 81 18.46 12.45 -17.58
CA LEU B 81 17.76 12.14 -18.83
C LEU B 81 18.73 12.07 -20.00
N VAL B 82 19.63 13.04 -20.11
CA VAL B 82 20.60 13.01 -21.20
C VAL B 82 21.45 11.75 -21.10
N ALA B 83 21.76 11.30 -19.89
CA ALA B 83 22.50 10.05 -19.74
C ALA B 83 21.71 8.87 -20.31
N ILE B 84 20.40 8.82 -20.08
CA ILE B 84 19.56 7.79 -20.69
C ILE B 84 19.57 7.93 -22.20
N ALA B 85 19.46 9.16 -22.71
CA ALA B 85 19.43 9.35 -24.15
C ALA B 85 20.71 8.87 -24.81
N LEU B 86 21.86 9.20 -24.23
CA LEU B 86 23.14 8.87 -24.85
C LEU B 86 23.68 7.50 -24.43
N GLY B 87 23.05 6.83 -23.46
CA GLY B 87 23.60 5.59 -22.95
C GLY B 87 24.95 5.77 -22.27
N ASP B 88 25.11 6.86 -21.52
CA ASP B 88 26.39 7.21 -20.88
C ASP B 88 26.34 6.81 -19.41
N LYS B 89 26.92 5.66 -19.09
CA LYS B 89 26.93 5.22 -17.70
C LYS B 89 27.73 6.17 -16.82
N GLU B 90 28.86 6.66 -17.33
CA GLU B 90 29.66 7.61 -16.58
C GLU B 90 28.86 8.85 -16.21
N LEU B 91 28.12 9.40 -17.19
CA LEU B 91 27.26 10.54 -16.92
C LEU B 91 26.15 10.18 -15.94
N ALA B 92 25.55 8.99 -16.10
CA ALA B 92 24.57 8.50 -15.15
C ALA B 92 25.13 8.50 -13.73
N LYS B 93 26.35 7.98 -13.56
CA LYS B 93 26.99 7.97 -12.24
C LYS B 93 27.28 9.38 -11.74
N LYS B 94 27.57 10.32 -12.66
CA LYS B 94 27.75 11.71 -12.25
C LYS B 94 26.45 12.29 -11.73
N ALA B 95 25.33 12.00 -12.42
CA ALA B 95 24.03 12.45 -11.95
C ALA B 95 23.69 11.87 -10.58
N LYS B 96 24.11 10.62 -10.31
CA LYS B 96 23.86 10.03 -9.00
C LYS B 96 24.57 10.81 -7.89
N GLU B 97 25.84 11.16 -8.12
CA GLU B 97 26.58 11.93 -7.13
C GLU B 97 25.93 13.30 -6.89
N GLU B 98 25.54 13.98 -7.97
CA GLU B 98 24.87 15.28 -7.82
C GLU B 98 23.52 15.15 -7.12
N ALA B 99 22.81 14.05 -7.33
CA ALA B 99 21.49 13.88 -6.73
C ALA B 99 21.61 13.61 -5.24
N LEU B 100 22.50 12.69 -4.86
CA LEU B 100 22.76 12.43 -3.44
C LEU B 100 23.22 13.71 -2.74
N LYS B 101 24.04 14.51 -3.42
CA LYS B 101 24.43 15.81 -2.88
C LYS B 101 23.23 16.75 -2.78
N VAL B 102 22.31 16.69 -3.75
CA VAL B 102 21.10 17.49 -3.64
C VAL B 102 20.23 16.97 -2.50
N LEU B 103 20.08 15.65 -2.40
CA LEU B 103 19.29 15.06 -1.32
C LEU B 103 19.95 15.31 0.03
N GLU B 105 21.40 17.50 1.25
CA GLU B 105 21.57 18.93 1.28
C GLU B 105 20.20 19.59 1.38
N ALA B 106 19.18 18.86 0.92
CA ALA B 106 17.80 19.34 0.95
C ALA B 106 17.08 18.78 2.18
N GLU B 107 17.50 17.60 2.63
CA GLU B 107 16.86 17.01 3.79
C GLU B 107 17.27 17.71 5.08
N LYS B 108 18.49 18.24 5.12
CA LYS B 108 18.91 19.10 6.23
C LYS B 108 18.30 20.49 6.12
N GLY B 109 18.05 20.95 4.89
CA GLY B 109 17.31 22.18 4.69
C GLY B 109 15.86 22.05 5.08
N TYR B 110 15.32 20.83 5.03
CA TYR B 110 13.96 20.58 5.49
C TYR B 110 13.85 20.78 6.98
N LYS B 111 14.81 20.27 7.74
CA LYS B 111 14.86 20.46 9.19
C LYS B 111 15.29 21.88 9.53
N ILE B 120 6.34 26.80 4.23
CA ILE B 120 6.65 27.15 2.86
C ILE B 120 8.04 26.67 2.53
N ALA B 121 9.01 27.01 3.38
CA ALA B 121 10.37 26.53 3.18
C ALA B 121 10.43 25.01 3.36
N ALA B 122 9.63 24.50 4.30
CA ALA B 122 9.54 23.05 4.46
C ALA B 122 8.95 22.41 3.22
N ALA B 123 7.93 23.04 2.64
CA ALA B 123 7.35 22.50 1.41
C ALA B 123 8.36 22.48 0.28
N LEU B 124 9.18 23.53 0.17
CA LEU B 124 10.10 23.59 -0.95
C LEU B 124 11.23 22.61 -0.78
N TYR B 125 11.72 22.41 0.44
CA TYR B 125 12.71 21.38 0.65
C TYR B 125 12.09 20.01 0.45
N LEU B 126 10.87 19.79 0.96
CA LEU B 126 10.18 18.53 0.72
C LEU B 126 9.98 18.29 -0.76
N ILE B 127 9.76 19.37 -1.53
CA ILE B 127 9.66 19.22 -2.97
C ILE B 127 11.01 18.83 -3.56
N ALA B 128 12.08 19.44 -3.06
CA ALA B 128 13.40 19.11 -3.53
C ALA B 128 13.78 17.68 -3.19
N ILE B 129 13.30 17.15 -2.06
CA ILE B 129 13.51 15.73 -1.78
C ILE B 129 12.84 14.90 -2.85
N ALA B 130 11.58 15.23 -3.16
CA ALA B 130 10.85 14.50 -4.18
C ALA B 130 11.56 14.58 -5.53
N LEU B 131 12.13 15.75 -5.85
CA LEU B 131 12.87 15.90 -7.09
C LEU B 131 14.10 15.00 -7.10
N ALA B 132 14.76 14.85 -5.94
CA ALA B 132 15.91 13.96 -5.84
C ALA B 132 15.50 12.51 -6.02
N ALA B 133 14.29 12.15 -5.55
CA ALA B 133 13.80 10.80 -5.77
C ALA B 133 13.60 10.52 -7.26
N ILE B 134 13.11 11.53 -8.00
CA ILE B 134 12.98 11.41 -9.45
C ILE B 134 14.36 11.20 -10.09
N ALA B 135 15.34 12.01 -9.70
CA ALA B 135 16.69 11.88 -10.26
C ALA B 135 17.28 10.51 -9.98
N LEU B 136 17.14 10.01 -8.75
CA LEU B 136 17.64 8.68 -8.44
C LEU B 136 16.92 7.63 -9.27
N ALA B 137 15.62 7.81 -9.50
CA ALA B 137 14.87 6.87 -10.32
C ALA B 137 15.38 6.83 -11.76
N LEU B 138 15.79 7.98 -12.30
CA LEU B 138 16.26 8.02 -13.68
C LEU B 138 17.68 7.48 -13.79
N VAL B 139 18.52 7.76 -12.78
CA VAL B 139 19.84 7.13 -12.72
C VAL B 139 19.68 5.62 -12.62
N ALA B 140 18.63 5.17 -11.93
CA ALA B 140 18.40 3.74 -11.81
C ALA B 140 18.07 3.11 -13.15
N ILE B 141 17.27 3.80 -13.97
CA ILE B 141 16.91 3.30 -15.29
C ILE B 141 18.15 3.17 -16.16
N ALA B 142 18.99 4.20 -16.16
CA ALA B 142 20.19 4.18 -17.00
C ALA B 142 21.16 3.08 -16.57
N LEU B 143 21.36 2.90 -15.26
CA LEU B 143 22.35 1.93 -14.79
C LEU B 143 21.79 0.51 -14.62
N GLY B 144 20.48 0.34 -14.60
CA GLY B 144 19.92 -0.96 -14.26
C GLY B 144 20.11 -1.31 -12.80
N ASP B 145 20.04 -0.32 -11.92
CA ASP B 145 20.32 -0.47 -10.49
C ASP B 145 19.03 -0.77 -9.74
N GLU B 146 18.87 -2.01 -9.28
CA GLU B 146 17.69 -2.35 -8.50
C GLU B 146 17.70 -1.67 -7.14
N GLU B 147 18.86 -1.67 -6.48
CA GLU B 147 18.95 -1.08 -5.14
C GLU B 147 18.75 0.43 -5.17
N LEU B 148 19.11 1.08 -6.28
CA LEU B 148 18.86 2.51 -6.39
C LEU B 148 17.40 2.81 -6.72
N ALA B 149 16.73 1.89 -7.44
CA ALA B 149 15.31 2.06 -7.65
C ALA B 149 14.52 1.83 -6.36
N LYS B 150 14.97 0.89 -5.53
CA LYS B 150 14.32 0.66 -4.25
C LYS B 150 14.56 1.82 -3.28
N LYS B 151 15.77 2.39 -3.30
CA LYS B 151 16.02 3.55 -2.47
C LYS B 151 15.15 4.73 -2.88
N ALA B 152 15.01 4.95 -4.19
CA ALA B 152 14.11 5.99 -4.67
C ALA B 152 12.66 5.71 -4.27
N LYS B 153 12.22 4.45 -4.42
CA LYS B 153 10.85 4.09 -4.06
C LYS B 153 10.56 4.42 -2.60
N GLU B 154 11.44 4.00 -1.69
CA GLU B 154 11.21 4.28 -0.27
C GLU B 154 11.18 5.78 0.00
N LEU B 155 11.99 6.56 -0.72
CA LEU B 155 11.97 8.00 -0.55
C LEU B 155 10.62 8.59 -0.96
N ALA B 156 10.09 8.16 -2.10
CA ALA B 156 8.84 8.73 -2.58
C ALA B 156 7.70 8.46 -1.61
N GLU B 157 7.75 7.34 -0.90
CA GLU B 157 6.73 7.06 0.11
C GLU B 157 6.94 7.93 1.35
N LYS B 158 8.20 8.18 1.72
CA LYS B 158 8.48 9.11 2.81
C LYS B 158 7.95 10.50 2.48
N VAL B 159 8.19 10.97 1.25
CA VAL B 159 7.72 12.28 0.83
C VAL B 159 6.20 12.31 0.84
N LYS B 160 5.58 11.25 0.33
CA LYS B 160 4.12 11.15 0.29
C LYS B 160 3.52 11.28 1.68
N GLU B 161 4.03 10.48 2.63
CA GLU B 161 3.47 10.47 3.97
C GLU B 161 3.64 11.83 4.65
N GLU B 162 4.78 12.49 4.43
CA GLU B 162 5.03 13.76 5.12
C GLU B 162 4.26 14.91 4.48
N ALA B 163 4.18 14.93 3.15
CA ALA B 163 3.38 15.95 2.47
C ALA B 163 1.90 15.80 2.80
N GLU B 164 1.40 14.57 2.85
CA GLU B 164 0.00 14.36 3.18
C GLU B 164 -0.32 14.80 4.60
N LYS B 165 0.55 14.48 5.55
CA LYS B 165 0.28 14.84 6.94
C LYS B 165 0.44 16.33 7.16
N ARG B 166 1.46 16.94 6.57
CA ARG B 166 1.64 18.38 6.71
C ARG B 166 0.63 19.17 5.87
N TYR B 167 -0.05 18.53 4.92
CA TYR B 167 -1.11 19.22 4.19
C TYR B 167 -2.30 19.50 5.09
N LYS B 168 -2.72 18.51 5.88
CA LYS B 168 -3.84 18.75 6.78
C LYS B 168 -3.48 19.77 7.85
N GLU B 169 -2.20 19.94 8.16
CA GLU B 169 -1.78 21.03 9.02
C GLU B 169 -1.84 22.36 8.29
N ALA B 170 -1.76 22.35 6.96
CA ALA B 170 -2.02 23.57 6.19
C ALA B 170 -3.50 23.77 5.94
N GLU B 171 -4.28 22.68 5.88
CA GLU B 171 -5.73 22.83 5.79
C GLU B 171 -6.30 23.41 7.08
N LYS B 172 -5.69 23.10 8.21
CA LYS B 172 -6.13 23.61 9.49
C LYS B 172 -5.47 24.92 9.86
N GLN B 173 -4.70 25.51 8.95
CA GLN B 173 -4.08 26.81 9.18
C GLN B 173 -4.52 27.85 8.17
N GLY B 174 -5.31 27.48 7.17
CA GLY B 174 -5.66 28.40 6.09
C GLY B 174 -4.49 28.86 5.24
N ASP B 175 -3.48 28.01 5.08
CA ASP B 175 -2.30 28.33 4.26
C ASP B 175 -2.47 27.69 2.89
N GLU B 176 -2.93 28.49 1.93
CA GLU B 176 -3.26 27.93 0.62
C GLU B 176 -2.02 27.75 -0.24
N ILE B 177 -0.99 28.58 -0.04
CA ILE B 177 0.27 28.36 -0.73
C ILE B 177 0.90 27.05 -0.26
N ALA B 178 0.95 26.85 1.06
CA ALA B 178 1.50 25.60 1.57
C ALA B 178 0.62 24.43 1.16
N LYS B 179 -0.71 24.60 1.20
CA LYS B 179 -1.59 23.55 0.72
C LYS B 179 -1.26 23.19 -0.72
N ALA B 180 -0.93 24.20 -1.54
CA ALA B 180 -0.58 23.94 -2.93
C ALA B 180 0.77 23.23 -3.04
N LEU B 181 1.75 23.67 -2.26
CA LEU B 181 3.09 23.11 -2.39
C LEU B 181 3.16 21.68 -1.88
N TYR B 182 2.31 21.31 -0.91
CA TYR B 182 2.31 19.91 -0.50
C TYR B 182 1.53 19.04 -1.48
N LEU B 183 0.53 19.61 -2.15
CA LEU B 183 -0.10 18.90 -3.25
C LEU B 183 0.90 18.66 -4.37
N ILE B 184 1.77 19.63 -4.63
CA ILE B 184 2.83 19.45 -5.63
C ILE B 184 3.79 18.35 -5.21
N ALA B 185 4.16 18.33 -3.92
CA ALA B 185 5.05 17.28 -3.45
C ALA B 185 4.42 15.90 -3.66
N ILE B 186 3.13 15.77 -3.37
CA ILE B 186 2.49 14.47 -3.62
C ILE B 186 2.45 14.17 -5.10
N ALA B 187 2.32 15.20 -5.94
CA ALA B 187 2.36 14.96 -7.39
C ALA B 187 3.76 14.53 -7.83
N LEU B 188 4.79 15.16 -7.28
CA LEU B 188 6.15 14.73 -7.59
C LEU B 188 6.43 13.33 -7.05
N ALA B 189 5.80 12.95 -5.94
CA ALA B 189 5.98 11.60 -5.44
C ALA B 189 5.40 10.57 -6.38
N ALA B 190 4.23 10.85 -6.96
CA ALA B 190 3.64 9.93 -7.93
C ALA B 190 4.54 9.77 -9.14
N ILE B 191 5.19 10.85 -9.58
CA ILE B 191 6.12 10.76 -10.70
C ILE B 191 7.26 9.83 -10.35
N ALA B 192 7.85 10.00 -9.17
CA ALA B 192 8.93 9.13 -8.74
C ALA B 192 8.49 7.67 -8.63
N LEU B 193 7.23 7.44 -8.23
CA LEU B 193 6.76 6.07 -8.09
C LEU B 193 6.53 5.42 -9.44
N ALA B 194 6.01 6.17 -10.41
CA ALA B 194 5.85 5.63 -11.76
C ALA B 194 7.19 5.37 -12.43
N LEU B 195 8.21 6.16 -12.07
CA LEU B 195 9.54 5.95 -12.61
C LEU B 195 10.19 4.70 -12.04
N VAL B 196 9.92 4.38 -10.77
CA VAL B 196 10.46 3.16 -10.19
C VAL B 196 9.74 1.94 -10.74
N ALA B 197 8.44 2.06 -11.04
CA ALA B 197 7.74 0.96 -11.69
C ALA B 197 8.29 0.68 -13.08
N ILE B 198 8.62 1.74 -13.82
CA ILE B 198 9.25 1.57 -15.12
C ILE B 198 10.58 0.85 -14.98
N ALA B 199 11.41 1.30 -14.04
CA ALA B 199 12.74 0.72 -13.88
C ALA B 199 12.67 -0.73 -13.42
N LEU B 200 11.70 -1.05 -12.57
CA LEU B 200 11.55 -2.40 -12.03
C LEU B 200 10.58 -3.26 -12.83
N LYS B 201 9.99 -2.74 -13.91
CA LYS B 201 8.94 -3.42 -14.67
C LYS B 201 7.83 -3.90 -13.73
N ASP B 202 7.42 -3.01 -12.82
CA ASP B 202 6.46 -3.30 -11.77
C ASP B 202 5.07 -2.83 -12.20
N GLU B 203 4.10 -3.75 -12.22
CA GLU B 203 2.75 -3.37 -12.63
C GLU B 203 1.92 -2.87 -11.47
N LYS B 204 2.10 -3.47 -10.28
CA LYS B 204 1.37 -3.00 -9.11
C LYS B 204 1.81 -1.59 -8.71
N LEU B 205 3.09 -1.29 -8.84
CA LEU B 205 3.55 0.05 -8.46
C LEU B 205 3.07 1.10 -9.46
N ALA B 206 2.87 0.71 -10.72
CA ALA B 206 2.32 1.65 -11.69
C ALA B 206 0.84 1.90 -11.42
N LYS B 207 0.11 0.86 -11.01
CA LYS B 207 -1.28 1.03 -10.63
C LYS B 207 -1.42 1.87 -9.36
N GLU B 208 -0.43 1.81 -8.47
CA GLU B 208 -0.47 2.62 -7.25
C GLU B 208 -0.20 4.09 -7.55
N ALA B 209 0.87 4.35 -8.30
CA ALA B 209 1.17 5.72 -8.71
C ALA B 209 0.02 6.32 -9.51
N LEU B 210 -0.75 5.47 -10.20
CA LEU B 210 -1.87 5.99 -10.99
C LEU B 210 -3.02 6.43 -10.10
N LYS B 211 -3.34 5.63 -9.09
CA LYS B 211 -4.37 6.03 -8.13
C LYS B 211 -3.94 7.29 -7.38
N LEU B 212 -2.66 7.40 -7.07
CA LEU B 212 -2.15 8.58 -6.37
C LEU B 212 -2.26 9.82 -7.25
N ALA B 213 -1.86 9.70 -8.51
CA ALA B 213 -1.95 10.86 -9.41
C ALA B 213 -3.39 11.31 -9.61
N LEU B 214 -4.33 10.36 -9.72
CA LEU B 214 -5.73 10.74 -9.86
C LEU B 214 -6.28 11.41 -8.60
N GLU B 215 -5.79 10.99 -7.43
CA GLU B 215 -6.21 11.66 -6.20
C GLU B 215 -5.70 13.10 -6.17
N VAL B 216 -4.42 13.31 -6.48
CA VAL B 216 -3.84 14.66 -6.50
C VAL B 216 -4.54 15.52 -7.54
N LYS B 217 -4.87 14.95 -8.69
CA LYS B 217 -5.53 15.73 -9.73
C LYS B 217 -6.90 16.21 -9.29
N LYS B 218 -7.69 15.33 -8.66
CA LYS B 218 -9.02 15.73 -8.21
C LYS B 218 -8.94 16.79 -7.12
N LYS B 219 -7.97 16.66 -6.21
CA LYS B 219 -7.88 17.63 -5.12
C LYS B 219 -7.32 18.96 -5.60
N SER B 220 -6.32 18.94 -6.48
CA SER B 220 -5.78 20.20 -6.98
C SER B 220 -6.81 20.91 -7.85
N GLU B 221 -7.64 20.15 -8.58
CA GLU B 221 -8.69 20.78 -9.37
C GLU B 221 -9.72 21.45 -8.46
N GLU B 222 -10.09 20.80 -7.35
CA GLU B 222 -11.01 21.44 -6.42
C GLU B 222 -10.39 22.69 -5.82
N GLU B 223 -9.15 22.56 -5.33
CA GLU B 223 -8.46 23.70 -4.74
C GLU B 223 -8.21 24.80 -5.76
N TYR B 224 -8.15 24.46 -7.05
CA TYR B 224 -7.87 25.46 -8.07
C TYR B 224 -9.08 26.35 -8.33
N GLU B 225 -10.28 25.76 -8.44
CA GLU B 225 -11.47 26.58 -8.62
C GLU B 225 -11.82 27.31 -7.34
N GLU B 226 -11.52 26.73 -6.18
CA GLU B 226 -11.74 27.42 -4.92
C GLU B 226 -10.86 28.65 -4.82
N ALA B 227 -9.57 28.50 -5.16
CA ALA B 227 -8.65 29.63 -5.12
C ALA B 227 -8.93 30.65 -6.20
N LYS B 228 -9.63 30.25 -7.26
CA LYS B 228 -9.95 31.16 -8.35
C LYS B 228 -10.88 32.28 -7.90
N LYS B 229 -11.55 32.08 -6.77
CA LYS B 229 -12.47 33.07 -6.24
C LYS B 229 -11.73 34.15 -5.46
N GLN B 230 -10.44 34.30 -5.72
CA GLN B 230 -9.62 35.30 -5.04
C GLN B 230 -8.40 35.68 -5.87
N ASN B 232 -6.28 33.18 -3.85
CA ASN B 232 -4.96 33.76 -4.04
C ASN B 232 -4.47 33.53 -5.47
N GLU B 233 -3.85 34.56 -6.06
CA GLU B 233 -3.38 34.43 -7.43
C GLU B 233 -2.14 33.55 -7.53
N ILE B 234 -1.35 33.46 -6.46
CA ILE B 234 -0.19 32.58 -6.47
C ILE B 234 -0.61 31.13 -6.22
N ALA B 235 -1.46 30.93 -5.21
CA ALA B 235 -1.97 29.57 -4.96
C ALA B 235 -2.76 29.05 -6.14
N LYS B 236 -3.37 29.94 -6.92
CA LYS B 236 -4.06 29.51 -8.13
C LYS B 236 -3.08 28.86 -9.10
N ALA B 237 -1.98 29.56 -9.41
CA ALA B 237 -1.00 29.01 -10.35
C ALA B 237 -0.30 27.78 -9.80
N LEU B 238 -0.15 27.68 -8.47
CA LEU B 238 0.52 26.55 -7.88
C LEU B 238 -0.36 25.31 -7.89
N TYR B 239 -1.67 25.48 -7.69
CA TYR B 239 -2.57 24.35 -7.85
C TYR B 239 -2.56 23.87 -9.29
N LEU B 240 -2.44 24.80 -10.25
CA LEU B 240 -2.37 24.43 -11.65
C LEU B 240 -1.12 23.62 -11.95
N ILE B 241 -0.01 23.99 -11.33
CA ILE B 241 1.25 23.27 -11.50
C ILE B 241 1.11 21.83 -11.01
N ALA B 242 0.40 21.64 -9.90
CA ALA B 242 0.11 20.29 -9.43
C ALA B 242 -0.64 19.50 -10.50
N ILE B 243 -1.63 20.13 -11.14
CA ILE B 243 -2.37 19.44 -12.18
C ILE B 243 -1.45 19.06 -13.33
N ALA B 244 -0.60 19.99 -13.75
CA ALA B 244 0.39 19.67 -14.77
C ALA B 244 1.31 18.54 -14.33
N LEU B 245 1.69 18.53 -13.05
CA LEU B 245 2.56 17.47 -12.56
C LEU B 245 1.84 16.13 -12.50
N ALA B 246 0.54 16.16 -12.27
CA ALA B 246 -0.21 14.90 -12.28
C ALA B 246 -0.33 14.36 -13.69
N ALA B 247 -0.52 15.23 -14.68
CA ALA B 247 -0.59 14.78 -16.07
C ALA B 247 0.71 14.10 -16.49
N ILE B 248 1.84 14.60 -16.00
CA ILE B 248 3.11 13.93 -16.26
C ILE B 248 3.08 12.51 -15.71
N ALA B 249 2.54 12.34 -14.50
CA ALA B 249 2.51 11.02 -13.89
C ALA B 249 1.58 10.06 -14.64
N LEU B 250 0.45 10.56 -15.16
CA LEU B 250 -0.43 9.71 -15.94
C LEU B 250 0.27 9.17 -17.18
N ALA B 251 0.99 10.04 -17.89
CA ALA B 251 1.72 9.59 -19.06
C ALA B 251 2.77 8.56 -18.67
N LEU B 252 3.44 8.77 -17.54
CA LEU B 252 4.46 7.83 -17.09
C LEU B 252 3.87 6.44 -16.82
N VAL B 253 2.69 6.37 -16.21
CA VAL B 253 2.09 5.06 -16.00
C VAL B 253 1.56 4.51 -17.31
N ALA B 254 1.13 5.37 -18.24
CA ALA B 254 0.75 4.88 -19.56
C ALA B 254 1.92 4.24 -20.26
N ILE B 255 3.14 4.71 -19.99
CA ILE B 255 4.34 4.11 -20.54
C ILE B 255 4.63 2.77 -19.84
N ALA B 256 4.51 2.75 -18.51
CA ALA B 256 4.85 1.56 -17.74
C ALA B 256 3.84 0.44 -17.94
N LEU B 257 2.57 0.77 -18.11
CA LEU B 257 1.55 -0.26 -18.29
C LEU B 257 1.28 -0.59 -19.75
N LYS B 258 1.89 0.14 -20.68
CA LYS B 258 1.62 0.00 -22.11
C LYS B 258 0.12 0.16 -22.40
N ASP B 259 -0.50 1.12 -21.70
CA ASP B 259 -1.91 1.41 -21.87
C ASP B 259 -2.07 2.56 -22.86
N GLU B 260 -2.99 2.39 -23.81
CA GLU B 260 -3.17 3.36 -24.88
C GLU B 260 -4.22 4.41 -24.55
N GLU B 261 -5.23 4.05 -23.76
CA GLU B 261 -6.22 5.03 -23.31
C GLU B 261 -5.62 6.00 -22.29
N LEU B 262 -4.73 5.50 -21.43
CA LEU B 262 -4.04 6.38 -20.49
C LEU B 262 -3.18 7.40 -21.22
N ALA B 263 -2.58 6.98 -22.34
CA ALA B 263 -1.85 7.95 -23.17
C ALA B 263 -2.82 8.93 -23.82
N GLU B 264 -4.00 8.47 -24.23
CA GLU B 264 -4.99 9.38 -24.77
C GLU B 264 -5.53 10.31 -23.71
N GLU B 265 -5.73 9.81 -22.48
CA GLU B 265 -6.25 10.65 -21.42
C GLU B 265 -5.22 11.66 -20.94
N ALA B 266 -3.96 11.23 -20.84
CA ALA B 266 -2.91 12.14 -20.40
C ALA B 266 -2.70 13.28 -21.40
N LYS B 267 -2.68 12.98 -22.70
CA LYS B 267 -2.49 14.03 -23.69
C LYS B 267 -3.66 15.00 -23.68
N GLU B 268 -4.87 14.51 -23.41
CA GLU B 268 -6.02 15.41 -23.37
C GLU B 268 -5.97 16.30 -22.14
N GLU B 269 -5.51 15.75 -21.01
CA GLU B 269 -5.36 16.56 -19.80
C GLU B 269 -4.26 17.60 -19.96
N ALA B 270 -3.16 17.23 -20.63
CA ALA B 270 -2.06 18.17 -20.80
C ALA B 270 -2.46 19.34 -21.69
N GLU B 271 -3.26 19.07 -22.73
CA GLU B 271 -3.73 20.15 -23.58
C GLU B 271 -4.66 21.07 -22.84
N LYS B 272 -5.45 20.54 -21.90
CA LYS B 272 -6.37 21.40 -21.15
C LYS B 272 -5.63 22.32 -20.20
N VAL B 273 -4.62 21.80 -19.50
CA VAL B 273 -3.85 22.60 -18.54
C VAL B 273 -3.03 23.66 -19.27
N LYS B 274 -2.38 23.27 -20.37
CA LYS B 274 -1.60 24.22 -21.15
C LYS B 274 -2.43 25.41 -21.57
N GLU B 275 -3.60 25.14 -22.17
CA GLU B 275 -4.51 26.22 -22.56
C GLU B 275 -4.87 27.09 -21.36
N GLU B 276 -5.27 26.47 -20.26
CA GLU B 276 -5.70 27.24 -19.09
C GLU B 276 -4.53 28.06 -18.54
N ALA B 277 -3.32 27.49 -18.55
CA ALA B 277 -2.16 28.22 -18.08
C ALA B 277 -1.82 29.36 -19.03
N GLU B 278 -1.84 29.09 -20.34
CA GLU B 278 -1.66 30.13 -21.34
C GLU B 278 -2.69 31.25 -21.14
N LYS B 279 -3.95 30.89 -20.92
CA LYS B 279 -4.97 31.90 -20.68
C LYS B 279 -4.63 32.70 -19.42
N GLN B 280 -4.31 32.00 -18.34
CA GLN B 280 -3.98 32.69 -17.09
C GLN B 280 -2.75 33.57 -17.25
N ALA B 281 -1.71 33.06 -17.92
CA ALA B 281 -0.49 33.84 -18.09
C ALA B 281 -0.70 35.03 -19.02
N LYS B 282 -1.47 34.85 -20.11
CA LYS B 282 -1.84 35.98 -20.94
C LYS B 282 -2.61 37.01 -20.12
N GLU B 283 -3.49 36.54 -19.26
CA GLU B 283 -4.28 37.42 -18.41
C GLU B 283 -3.36 38.25 -17.51
N ALA B 284 -2.53 37.56 -16.73
CA ALA B 284 -1.59 38.21 -15.82
C ALA B 284 -0.73 39.25 -16.55
N LYS B 285 -0.17 38.85 -17.69
CA LYS B 285 0.67 39.74 -18.47
C LYS B 285 -0.06 41.03 -18.81
N GLU B 286 -1.30 40.89 -19.29
CA GLU B 286 -2.11 42.05 -19.66
C GLU B 286 -2.59 42.79 -18.42
N GLN B 287 -1.96 42.50 -17.28
CA GLN B 287 -2.32 43.13 -16.02
C GLN B 287 -1.06 43.44 -15.23
N GLY B 288 -0.13 42.49 -15.23
CA GLY B 288 1.13 42.66 -14.53
C GLY B 288 1.35 41.70 -13.38
N ASN B 289 0.60 40.60 -13.34
CA ASN B 289 0.77 39.63 -12.26
C ASN B 289 2.11 38.92 -12.47
N GLU B 290 3.17 39.59 -12.03
CA GLU B 290 4.53 39.28 -12.47
C GLU B 290 4.94 37.85 -12.10
N ILE B 291 5.11 37.55 -10.81
CA ILE B 291 5.60 36.24 -10.43
C ILE B 291 4.52 35.18 -10.63
N ALA B 292 3.24 35.58 -10.59
CA ALA B 292 2.19 34.64 -10.94
C ALA B 292 2.33 34.20 -12.39
N LYS B 293 2.60 35.15 -13.28
CA LYS B 293 2.90 34.80 -14.68
C LYS B 293 4.10 33.87 -14.74
N SER B 294 5.08 34.06 -13.85
CA SER B 294 6.21 33.15 -13.78
C SER B 294 5.74 31.73 -13.48
N LEU B 295 4.84 31.59 -12.50
CA LEU B 295 4.36 30.26 -12.14
C LEU B 295 3.54 29.65 -13.26
N TYR B 296 2.66 30.44 -13.88
CA TYR B 296 1.87 29.92 -14.99
C TYR B 296 2.77 29.53 -16.15
N LYS B 297 3.83 30.29 -16.39
CA LYS B 297 4.81 29.93 -17.41
C LYS B 297 5.40 28.55 -17.12
N ILE B 298 5.74 28.30 -15.85
CA ILE B 298 6.27 27.00 -15.45
C ILE B 298 5.26 25.89 -15.69
N ALA B 299 3.98 26.21 -15.56
CA ALA B 299 2.94 25.20 -15.81
C ALA B 299 2.89 24.83 -17.29
N ILE B 300 3.11 25.80 -18.19
CA ILE B 300 3.13 25.48 -19.62
C ILE B 300 4.31 24.55 -19.93
N SER B 301 5.45 24.80 -19.30
CA SER B 301 6.58 23.90 -19.53
C SER B 301 6.24 22.48 -19.11
N LEU B 302 5.62 22.33 -17.94
CA LEU B 302 5.26 20.99 -17.47
C LEU B 302 4.20 20.35 -18.35
N ALA B 303 3.23 21.14 -18.81
CA ALA B 303 2.24 20.60 -19.75
C ALA B 303 2.91 20.11 -21.03
N GLU B 304 3.90 20.85 -21.53
CA GLU B 304 4.59 20.43 -22.73
C GLU B 304 5.40 19.16 -22.48
N ILE B 305 6.02 19.07 -21.30
CA ILE B 305 6.74 17.85 -20.91
C ILE B 305 5.80 16.66 -20.90
N ALA B 306 4.59 16.85 -20.37
CA ALA B 306 3.61 15.78 -20.37
C ALA B 306 3.24 15.36 -21.78
N LEU B 307 3.16 16.31 -22.70
CA LEU B 307 2.83 15.98 -24.08
C LEU B 307 3.90 15.10 -24.69
N SER B 308 5.17 15.48 -24.50
CA SER B 308 6.27 14.64 -24.96
C SER B 308 6.09 13.20 -24.50
N LEU B 309 5.92 13.02 -23.19
CA LEU B 309 5.70 11.68 -22.66
C LEU B 309 4.46 11.03 -23.26
N ALA B 310 3.41 11.81 -23.50
CA ALA B 310 2.18 11.24 -24.03
C ALA B 310 2.38 10.69 -25.45
N GLU B 311 3.30 11.26 -26.21
CA GLU B 311 3.59 10.73 -27.53
C GLU B 311 4.55 9.56 -27.49
N ILE B 312 5.36 9.47 -26.45
CA ILE B 312 6.22 8.31 -26.23
C ILE B 312 5.36 7.16 -25.76
#